data_6YOS
#
_entry.id   6YOS
#
_cell.length_a   60.206
_cell.length_b   60.206
_cell.length_c   284.213
_cell.angle_alpha   90.000
_cell.angle_beta   90.000
_cell.angle_gamma   90.000
#
_symmetry.space_group_name_H-M   'P 43 21 2'
#
loop_
_entity.id
_entity.type
_entity.pdbx_description
1 polymer '14-3-3 protein zeta/delta'
2 polymer 'Glucocorticoid receptor,Glucocorticoid receptor'
#
loop_
_entity_poly.entity_id
_entity_poly.type
_entity_poly.pdbx_seq_one_letter_code
_entity_poly.pdbx_strand_id
1 'polypeptide(L)'
;GAMGSMDKNELVQKAKLAEQAERYDDMAACMKSVTEQGAELSNEERNLLSVAYKNVVGARRSSWRVVSSIEQKTEGAEKK
QQMAREYREKIETELRDICNDVLSLLEKFLIPNASQAESKVFYLKMKGDYYRYLAEVAAGDDKKGIVDQSQQAYQEAFEI
SKKEMQPTHPIRLGLALNFSVFYYEILNSPEKACSLAKTAFDEAIAELDTLSEESYKDSTLIMQLLRDNLTLWTS
;
A,B
2 'polypeptide(L)' KTIVPA(TPO)LPQLTPGGGGGRSYRQS(SEP)ANLLCF C
#
# COMPACT_ATOMS: atom_id res chain seq x y z
N MET A 6 -12.96 1.26 -27.00
CA MET A 6 -11.50 1.49 -27.18
C MET A 6 -10.71 0.43 -26.41
N ASP A 7 -10.80 -0.82 -26.87
CA ASP A 7 -10.11 -1.95 -26.21
C ASP A 7 -10.40 -1.96 -24.72
N LYS A 8 -11.69 -2.08 -24.36
CA LYS A 8 -12.14 -2.20 -22.96
C LYS A 8 -11.53 -3.46 -22.37
N ASN A 9 -11.44 -4.56 -23.13
CA ASN A 9 -10.79 -5.78 -22.62
C ASN A 9 -9.32 -5.48 -22.30
N GLU A 10 -8.65 -4.69 -23.13
CA GLU A 10 -7.25 -4.31 -22.80
C GLU A 10 -7.28 -3.57 -21.46
N LEU A 11 -8.35 -2.83 -21.16
CA LEU A 11 -8.32 -2.09 -19.86
C LEU A 11 -8.68 -3.06 -18.68
N VAL A 12 -9.65 -3.93 -18.92
CA VAL A 12 -10.07 -4.91 -17.93
C VAL A 12 -8.91 -5.85 -17.65
N GLN A 13 -8.03 -6.00 -18.64
CA GLN A 13 -6.87 -6.87 -18.51
C GLN A 13 -5.77 -6.14 -17.73
N LYS A 14 -5.53 -4.89 -18.12
CA LYS A 14 -4.52 -4.06 -17.46
C LYS A 14 -4.94 -3.87 -16.01
N ALA A 15 -6.25 -3.74 -15.79
CA ALA A 15 -6.79 -3.60 -14.43
C ALA A 15 -6.45 -4.87 -13.63
N LYS A 16 -6.59 -6.03 -14.24
CA LYS A 16 -6.26 -7.31 -13.55
C LYS A 16 -4.77 -7.36 -13.26
N LEU A 17 -3.96 -6.84 -14.18
CA LEU A 17 -2.49 -6.77 -13.98
C LEU A 17 -2.19 -5.86 -12.80
N ALA A 18 -2.88 -4.72 -12.68
CA ALA A 18 -2.59 -3.79 -11.58
C ALA A 18 -2.91 -4.43 -10.24
N GLU A 19 -4.05 -5.09 -10.12
CA GLU A 19 -4.45 -5.66 -8.82
C GLU A 19 -3.39 -6.65 -8.37
N GLN A 20 -2.83 -7.37 -9.32
CA GLN A 20 -1.79 -8.39 -9.05
C GLN A 20 -0.54 -7.71 -8.49
N ALA A 21 -0.23 -6.53 -9.02
CA ALA A 21 0.96 -5.74 -8.67
C ALA A 21 0.70 -4.82 -7.48
N GLU A 22 -0.50 -4.90 -6.88
CA GLU A 22 -0.91 -4.06 -5.72
C GLU A 22 -0.80 -2.58 -6.10
N ARG A 23 -1.31 -2.22 -7.28
CA ARG A 23 -1.29 -0.82 -7.74
C ARG A 23 -2.74 -0.45 -8.04
N TYR A 24 -3.51 -0.32 -6.96
CA TYR A 24 -4.96 -0.06 -6.93
C TYR A 24 -5.30 1.27 -7.57
N ASP A 25 -4.43 2.26 -7.43
CA ASP A 25 -4.68 3.59 -8.05
C ASP A 25 -4.75 3.41 -9.56
N ASP A 26 -3.83 2.63 -10.12
CA ASP A 26 -3.79 2.31 -11.57
C ASP A 26 -5.02 1.50 -11.95
N MET A 27 -5.36 0.52 -11.11
CA MET A 27 -6.50 -0.40 -11.35
C MET A 27 -7.79 0.42 -11.38
N ALA A 28 -7.95 1.32 -10.42
CA ALA A 28 -9.11 2.24 -10.42
C ALA A 28 -9.16 3.01 -11.73
N ALA A 29 -8.03 3.55 -12.21
CA ALA A 29 -7.96 4.39 -13.46
C ALA A 29 -8.45 3.50 -14.61
N CYS A 30 -8.04 2.23 -14.64
CA CYS A 30 -8.55 1.39 -15.75
C CYS A 30 -10.06 1.18 -15.61
N MET A 31 -10.53 0.72 -14.47
CA MET A 31 -11.96 0.38 -14.29
C MET A 31 -12.83 1.62 -14.50
N LYS A 32 -12.40 2.79 -14.05
CA LYS A 32 -13.20 4.01 -14.25
C LYS A 32 -13.31 4.30 -15.74
N SER A 33 -12.24 4.10 -16.50
CA SER A 33 -12.31 4.33 -17.96
C SER A 33 -13.28 3.35 -18.59
N VAL A 34 -13.29 2.11 -18.13
CA VAL A 34 -14.21 1.07 -18.65
C VAL A 34 -15.64 1.51 -18.36
N THR A 35 -15.89 2.03 -17.16
CA THR A 35 -17.25 2.46 -16.76
C THR A 35 -17.71 3.62 -17.64
N GLU A 36 -16.78 4.51 -17.97
CA GLU A 36 -17.03 5.75 -18.75
C GLU A 36 -17.53 5.48 -20.18
N GLN A 37 -17.25 4.30 -20.73
CA GLN A 37 -17.71 3.97 -22.07
C GLN A 37 -19.23 4.14 -22.15
N GLY A 38 -19.94 3.61 -21.15
CA GLY A 38 -21.41 3.71 -21.09
C GLY A 38 -22.08 2.37 -21.24
N ALA A 39 -21.30 1.35 -21.57
CA ALA A 39 -21.89 0.00 -21.66
C ALA A 39 -22.00 -0.51 -20.23
N GLU A 40 -23.08 -1.22 -19.93
CA GLU A 40 -23.29 -1.75 -18.57
C GLU A 40 -22.17 -2.72 -18.26
N LEU A 41 -21.58 -2.64 -17.06
CA LEU A 41 -20.51 -3.49 -16.71
C LEU A 41 -20.98 -4.99 -16.54
N SER A 42 -20.11 -5.92 -16.89
CA SER A 42 -20.25 -7.33 -16.52
C SER A 42 -20.14 -7.49 -15.02
N ASN A 43 -20.45 -8.68 -14.51
CA ASN A 43 -20.30 -8.92 -13.08
C ASN A 43 -18.83 -9.01 -12.70
N GLU A 44 -17.96 -9.23 -13.68
CA GLU A 44 -16.54 -9.33 -13.41
C GLU A 44 -15.92 -7.96 -13.43
N GLU A 45 -16.38 -7.11 -14.33
CA GLU A 45 -15.89 -5.71 -14.34
C GLU A 45 -16.43 -5.03 -13.07
N ARG A 46 -17.69 -5.28 -12.73
CA ARG A 46 -18.35 -4.70 -11.58
C ARG A 46 -17.57 -4.87 -10.30
N ASN A 47 -17.04 -6.04 -10.13
CA ASN A 47 -16.29 -6.38 -8.94
C ASN A 47 -14.87 -5.90 -8.97
N LEU A 48 -14.32 -5.70 -10.15
CA LEU A 48 -12.98 -5.09 -10.27
C LEU A 48 -13.05 -3.60 -9.91
N LEU A 49 -14.04 -2.85 -10.43
CA LEU A 49 -14.19 -1.41 -10.20
C LEU A 49 -14.34 -1.23 -8.66
N SER A 50 -15.18 -2.07 -8.02
CA SER A 50 -15.41 -1.99 -6.59
C SER A 50 -14.14 -2.27 -5.78
N VAL A 51 -13.43 -3.36 -6.10
CA VAL A 51 -12.18 -3.67 -5.33
C VAL A 51 -11.16 -2.54 -5.46
N ALA A 52 -11.01 -2.03 -6.68
CA ALA A 52 -10.06 -0.94 -6.95
C ALA A 52 -10.39 0.22 -6.02
N TYR A 53 -11.61 0.71 -6.12
CA TYR A 53 -12.04 1.89 -5.32
C TYR A 53 -12.02 1.58 -3.83
N LYS A 54 -12.37 0.37 -3.42
CA LYS A 54 -12.37 0.07 -1.98
C LYS A 54 -10.95 0.18 -1.44
N ASN A 55 -9.95 -0.29 -2.18
CA ASN A 55 -8.55 -0.17 -1.70
C ASN A 55 -8.07 1.27 -1.72
N VAL A 56 -8.43 2.02 -2.75
CA VAL A 56 -7.99 3.43 -2.86
C VAL A 56 -8.60 4.27 -1.76
N VAL A 57 -9.90 4.12 -1.50
CA VAL A 57 -10.52 4.97 -0.45
C VAL A 57 -10.18 4.38 0.91
N GLY A 58 -10.04 3.07 1.02
CA GLY A 58 -9.69 2.51 2.31
C GLY A 58 -8.35 2.92 2.89
N ALA A 59 -7.40 3.14 2.03
CA ALA A 59 -6.13 3.67 2.49
C ALA A 59 -6.28 5.04 3.18
N ARG A 60 -7.16 5.86 2.61
CA ARG A 60 -7.41 7.18 3.15
C ARG A 60 -8.15 7.08 4.49
N ARG A 61 -9.10 6.17 4.57
CA ARG A 61 -9.89 6.00 5.81
C ARG A 61 -8.96 5.54 6.93
N SER A 62 -8.04 4.64 6.62
CA SER A 62 -7.14 4.12 7.63
C SER A 62 -6.16 5.24 8.09
N SER A 63 -5.64 5.98 7.13
CA SER A 63 -4.75 7.07 7.48
C SER A 63 -5.45 8.13 8.34
N TRP A 64 -6.67 8.48 8.01
CA TRP A 64 -7.47 9.42 8.76
C TRP A 64 -7.78 8.97 10.14
N ARG A 65 -7.83 7.67 10.38
CA ARG A 65 -8.16 7.16 11.69
C ARG A 65 -6.98 7.12 12.60
N VAL A 66 -5.82 7.03 11.99
CA VAL A 66 -4.55 7.20 12.65
C VAL A 66 -4.24 8.67 12.96
N VAL A 67 -4.30 9.58 11.99
CA VAL A 67 -3.96 10.95 12.25
C VAL A 67 -4.96 11.61 13.21
N SER A 68 -6.21 11.12 13.23
CA SER A 68 -7.27 11.69 14.08
C SER A 68 -7.29 11.05 15.46
N SER A 69 -6.45 10.05 15.66
CA SER A 69 -6.34 9.34 16.96
C SER A 69 -5.16 9.93 17.70
N ILE A 70 -4.18 10.37 16.93
CA ILE A 70 -2.95 11.02 17.46
C ILE A 70 -3.37 12.45 17.84
N GLU A 71 -4.34 12.99 17.11
CA GLU A 71 -4.88 14.36 17.35
C GLU A 71 -5.53 14.38 18.74
N GLN A 72 -6.21 13.30 19.12
CA GLN A 72 -6.86 13.17 20.44
C GLN A 72 -5.81 13.23 21.54
N LYS A 73 -4.64 12.62 21.33
CA LYS A 73 -3.61 12.62 22.40
C LYS A 73 -2.35 13.37 21.94
N LYS A 80 0.91 21.72 19.92
CA LYS A 80 1.54 21.80 18.56
C LYS A 80 1.04 20.66 17.68
N GLN A 81 0.03 19.92 18.14
CA GLN A 81 -0.56 18.82 17.34
C GLN A 81 -1.43 19.48 16.27
N GLN A 82 -1.33 20.79 16.16
CA GLN A 82 -2.08 21.52 15.11
C GLN A 82 -1.70 20.92 13.76
N MET A 83 -0.48 20.40 13.65
CA MET A 83 0.01 19.80 12.39
C MET A 83 -0.87 18.59 12.03
N ALA A 84 -1.24 17.79 13.03
CA ALA A 84 -2.11 16.62 12.77
C ALA A 84 -3.45 17.09 12.19
N ARG A 85 -4.00 18.16 12.73
CA ARG A 85 -5.29 18.70 12.25
C ARG A 85 -5.14 19.13 10.79
N GLU A 86 -4.00 19.71 10.42
CA GLU A 86 -3.76 20.18 9.04
C GLU A 86 -3.63 19.04 8.04
N TYR A 87 -2.86 18.03 8.47
CA TYR A 87 -2.67 16.79 7.68
C TYR A 87 -4.01 16.09 7.58
N ARG A 88 -4.71 15.99 8.71
CA ARG A 88 -6.01 15.28 8.67
C ARG A 88 -6.92 15.99 7.68
N GLU A 89 -6.80 17.32 7.58
CA GLU A 89 -7.60 18.06 6.60
C GLU A 89 -7.22 17.67 5.17
N LYS A 90 -5.94 17.42 4.99
CA LYS A 90 -5.40 17.03 3.72
C LYS A 90 -6.01 15.72 3.30
N ILE A 91 -5.79 14.73 4.14
CA ILE A 91 -6.23 13.33 3.88
C ILE A 91 -7.75 13.41 3.64
N GLU A 92 -8.44 14.25 4.40
CA GLU A 92 -9.91 14.37 4.29
C GLU A 92 -10.26 14.84 2.90
N THR A 93 -9.50 15.80 2.36
CA THR A 93 -9.80 16.29 1.00
C THR A 93 -9.58 15.17 -0.01
N GLU A 94 -8.54 14.37 0.18
CA GLU A 94 -8.25 13.27 -0.78
C GLU A 94 -9.43 12.31 -0.75
N LEU A 95 -9.87 11.97 0.45
CA LEU A 95 -10.98 11.03 0.68
C LEU A 95 -12.28 11.56 0.08
N ARG A 96 -12.61 12.82 0.30
CA ARG A 96 -13.87 13.37 -0.26
C ARG A 96 -13.80 13.28 -1.78
N ASP A 97 -12.63 13.56 -2.34
CA ASP A 97 -12.44 13.56 -3.78
C ASP A 97 -12.66 12.18 -4.39
N ILE A 98 -12.17 11.14 -3.72
CA ILE A 98 -12.34 9.75 -4.17
C ILE A 98 -13.80 9.31 -4.03
N CYS A 99 -14.41 9.60 -2.91
CA CYS A 99 -15.87 9.36 -2.81
C CYS A 99 -16.72 10.02 -3.83
N ASN A 100 -16.43 11.26 -4.12
CA ASN A 100 -17.23 11.96 -5.09
C ASN A 100 -17.11 11.35 -6.46
N ASP A 101 -15.95 10.78 -6.72
CA ASP A 101 -15.67 10.13 -7.98
C ASP A 101 -16.59 8.96 -8.17
N VAL A 102 -16.48 8.02 -7.26
CA VAL A 102 -17.26 6.82 -7.27
C VAL A 102 -18.72 7.16 -7.35
N LEU A 103 -19.14 8.11 -6.56
CA LEU A 103 -20.56 8.51 -6.57
C LEU A 103 -20.94 9.14 -7.90
N SER A 104 -20.00 9.82 -8.56
CA SER A 104 -20.27 10.40 -9.89
C SER A 104 -20.50 9.26 -10.89
N LEU A 105 -19.72 8.19 -10.80
CA LEU A 105 -19.84 7.07 -11.70
C LEU A 105 -21.15 6.39 -11.42
N LEU A 106 -21.44 6.24 -10.14
CA LEU A 106 -22.67 5.60 -9.74
C LEU A 106 -23.89 6.29 -10.36
N GLU A 107 -23.98 7.61 -10.25
CA GLU A 107 -25.17 8.33 -10.74
C GLU A 107 -25.16 8.43 -12.27
N LYS A 108 -24.02 8.74 -12.86
CA LYS A 108 -23.97 8.89 -14.33
C LYS A 108 -24.13 7.56 -15.10
N PHE A 109 -23.50 6.48 -14.65
CA PHE A 109 -23.56 5.26 -15.50
C PHE A 109 -24.05 3.99 -14.80
N LEU A 110 -23.43 3.62 -13.69
CA LEU A 110 -23.74 2.30 -13.08
C LEU A 110 -25.22 2.19 -12.75
N ILE A 111 -25.74 2.97 -11.81
CA ILE A 111 -27.18 2.84 -11.47
C ILE A 111 -28.16 2.89 -12.66
N PRO A 112 -28.03 3.84 -13.59
CA PRO A 112 -28.91 3.95 -14.74
C PRO A 112 -28.85 2.77 -15.71
N ASN A 113 -27.67 2.19 -15.93
CA ASN A 113 -27.55 1.07 -16.88
C ASN A 113 -27.77 -0.27 -16.16
N ALA A 114 -27.96 -0.25 -14.84
CA ALA A 114 -28.17 -1.51 -14.09
C ALA A 114 -29.48 -2.14 -14.55
N SER A 115 -29.39 -3.26 -15.26
CA SER A 115 -30.58 -3.99 -15.78
C SER A 115 -31.00 -5.08 -14.79
N GLN A 116 -30.04 -5.91 -14.38
CA GLN A 116 -30.35 -7.00 -13.42
C GLN A 116 -30.61 -6.39 -12.04
N ALA A 117 -31.46 -7.02 -11.24
CA ALA A 117 -31.76 -6.53 -9.88
C ALA A 117 -30.54 -6.68 -8.97
N GLU A 118 -29.84 -7.76 -9.07
CA GLU A 118 -28.63 -8.03 -8.24
C GLU A 118 -27.64 -6.87 -8.39
N SER A 119 -27.37 -6.44 -9.62
CA SER A 119 -26.55 -5.25 -9.78
C SER A 119 -27.18 -3.98 -9.22
N LYS A 120 -28.49 -3.85 -9.31
CA LYS A 120 -29.10 -2.62 -8.73
C LYS A 120 -28.83 -2.61 -7.24
N VAL A 121 -28.97 -3.74 -6.55
CA VAL A 121 -28.70 -3.82 -5.11
C VAL A 121 -27.20 -3.56 -4.80
N PHE A 122 -26.34 -4.14 -5.61
CA PHE A 122 -24.88 -3.98 -5.42
C PHE A 122 -24.48 -2.51 -5.60
N TYR A 123 -25.05 -1.84 -6.59
CA TYR A 123 -24.76 -0.43 -6.83
C TYR A 123 -25.33 0.53 -5.83
N LEU A 124 -26.54 0.27 -5.41
CA LEU A 124 -27.20 1.08 -4.36
C LEU A 124 -26.55 0.88 -3.01
N LYS A 125 -26.03 -0.30 -2.76
CA LYS A 125 -25.22 -0.54 -1.57
C LYS A 125 -23.94 0.23 -1.59
N MET A 126 -23.29 0.28 -2.73
CA MET A 126 -22.03 1.03 -2.93
C MET A 126 -22.33 2.49 -2.67
N LYS A 127 -23.44 3.01 -3.14
CA LYS A 127 -23.79 4.38 -2.88
C LYS A 127 -24.00 4.64 -1.39
N GLY A 128 -24.64 3.73 -0.69
CA GLY A 128 -24.80 3.83 0.73
C GLY A 128 -23.36 3.84 1.37
N ASP A 129 -22.44 2.97 0.95
CA ASP A 129 -21.09 2.94 1.58
C ASP A 129 -20.34 4.21 1.33
N TYR A 130 -20.34 4.71 0.11
CA TYR A 130 -19.53 5.91 -0.20
C TYR A 130 -20.09 7.15 0.50
N TYR A 131 -21.40 7.22 0.69
CA TYR A 131 -21.95 8.36 1.46
C TYR A 131 -21.60 8.12 2.93
N ARG A 132 -21.57 6.87 3.36
CA ARG A 132 -21.16 6.58 4.77
C ARG A 132 -19.70 7.05 4.97
N TYR A 133 -18.82 6.84 4.02
CA TYR A 133 -17.49 7.35 4.22
C TYR A 133 -17.42 8.84 4.24
N LEU A 134 -18.21 9.51 3.43
CA LEU A 134 -18.28 10.98 3.48
C LEU A 134 -18.83 11.46 4.82
N ALA A 135 -19.79 10.70 5.37
CA ALA A 135 -20.40 11.09 6.65
C ALA A 135 -19.37 11.05 7.76
N GLU A 136 -18.46 10.08 7.71
CA GLU A 136 -17.45 9.90 8.77
C GLU A 136 -16.52 11.12 8.85
N VAL A 137 -16.43 11.90 7.78
CA VAL A 137 -15.57 13.10 7.82
C VAL A 137 -16.30 14.42 7.58
N ALA A 138 -17.64 14.39 7.66
CA ALA A 138 -18.52 15.55 7.22
C ALA A 138 -18.40 16.78 8.17
N ALA A 139 -18.41 18.01 7.58
CA ALA A 139 -18.64 19.28 8.39
C ALA A 139 -19.95 19.13 9.14
N GLY A 140 -20.00 19.56 10.39
CA GLY A 140 -21.26 19.42 11.16
C GLY A 140 -22.43 19.92 10.33
N ASP A 141 -22.24 20.97 9.56
CA ASP A 141 -23.38 21.41 8.79
C ASP A 141 -23.86 20.43 7.73
N ASP A 142 -22.91 19.83 7.01
CA ASP A 142 -23.28 19.03 5.84
C ASP A 142 -23.63 17.64 6.22
N LYS A 143 -23.27 17.28 7.42
CA LYS A 143 -23.48 15.92 7.88
C LYS A 143 -24.91 15.36 7.76
N LYS A 144 -25.92 16.09 8.16
CA LYS A 144 -27.26 15.53 8.05
C LYS A 144 -27.62 15.07 6.66
N GLY A 145 -27.50 15.95 5.68
CA GLY A 145 -27.79 15.65 4.30
C GLY A 145 -27.11 14.37 3.84
N ILE A 146 -25.81 14.23 4.19
CA ILE A 146 -24.93 13.10 3.74
C ILE A 146 -25.39 11.81 4.39
N VAL A 147 -25.65 11.89 5.67
CA VAL A 147 -26.27 10.74 6.38
C VAL A 147 -27.58 10.32 5.74
N ASP A 148 -28.39 11.28 5.35
CA ASP A 148 -29.67 11.03 4.71
C ASP A 148 -29.44 10.27 3.43
N GLN A 149 -28.53 10.77 2.61
CA GLN A 149 -28.20 10.15 1.33
C GLN A 149 -27.77 8.70 1.53
N SER A 150 -26.90 8.44 2.49
CA SER A 150 -26.44 7.03 2.70
C SER A 150 -27.60 6.15 3.10
N GLN A 151 -28.40 6.63 4.03
CA GLN A 151 -29.54 5.76 4.50
C GLN A 151 -30.51 5.51 3.39
N GLN A 152 -30.77 6.52 2.60
CA GLN A 152 -31.70 6.42 1.50
C GLN A 152 -31.26 5.40 0.49
N ALA A 153 -29.95 5.35 0.21
CA ALA A 153 -29.38 4.42 -0.79
C ALA A 153 -29.50 2.99 -0.22
N TYR A 154 -29.07 2.84 1.03
CA TYR A 154 -29.15 1.48 1.63
C TYR A 154 -30.57 0.97 1.77
N GLN A 155 -31.50 1.85 2.08
CA GLN A 155 -32.95 1.46 2.24
C GLN A 155 -33.48 0.99 0.93
N GLU A 156 -33.25 1.74 -0.12
CA GLU A 156 -33.66 1.25 -1.40
C GLU A 156 -32.99 -0.06 -1.79
N ALA A 157 -31.69 -0.19 -1.62
CA ALA A 157 -31.03 -1.52 -1.94
C ALA A 157 -31.72 -2.65 -1.07
N PHE A 158 -32.09 -2.31 0.14
CA PHE A 158 -32.62 -3.26 1.06
C PHE A 158 -33.91 -3.81 0.57
N GLU A 159 -34.80 -2.92 0.22
CA GLU A 159 -36.11 -3.28 -0.23
C GLU A 159 -36.01 -4.13 -1.44
N ILE A 160 -35.16 -3.79 -2.38
CA ILE A 160 -35.02 -4.62 -3.53
C ILE A 160 -34.47 -6.00 -3.23
N SER A 161 -33.44 -6.09 -2.39
CA SER A 161 -32.82 -7.38 -2.05
C SER A 161 -33.81 -8.26 -1.37
N LYS A 162 -34.68 -7.69 -0.57
CA LYS A 162 -35.69 -8.47 0.12
C LYS A 162 -36.63 -9.12 -0.85
N LYS A 163 -37.04 -8.34 -1.83
CA LYS A 163 -37.93 -8.78 -2.88
C LYS A 163 -37.36 -9.81 -3.82
N GLU A 164 -36.14 -9.61 -4.27
CA GLU A 164 -35.60 -10.43 -5.34
C GLU A 164 -34.48 -11.37 -5.04
N MET A 165 -34.02 -11.46 -3.83
CA MET A 165 -32.94 -12.38 -3.56
C MET A 165 -33.24 -13.31 -2.44
N GLN A 166 -32.53 -14.43 -2.40
CA GLN A 166 -32.76 -15.37 -1.27
C GLN A 166 -32.00 -14.81 -0.07
N PRO A 167 -32.40 -15.12 1.17
CA PRO A 167 -31.71 -14.60 2.33
C PRO A 167 -30.24 -15.02 2.35
N THR A 168 -29.91 -16.11 1.67
CA THR A 168 -28.53 -16.65 1.61
C THR A 168 -27.67 -15.93 0.56
N HIS A 169 -28.27 -15.04 -0.24
CA HIS A 169 -27.46 -14.35 -1.27
C HIS A 169 -26.41 -13.49 -0.58
N PRO A 170 -25.13 -13.56 -0.99
CA PRO A 170 -24.07 -12.76 -0.39
C PRO A 170 -24.26 -11.26 -0.58
N ILE A 171 -24.76 -10.82 -1.72
CA ILE A 171 -24.99 -9.37 -1.90
C ILE A 171 -26.04 -8.94 -0.89
N ARG A 172 -27.04 -9.79 -0.67
CA ARG A 172 -28.11 -9.47 0.32
C ARG A 172 -27.52 -9.50 1.73
N LEU A 173 -26.69 -10.50 2.04
CA LEU A 173 -26.04 -10.55 3.35
C LEU A 173 -25.01 -9.42 3.58
N GLY A 174 -24.24 -9.11 2.55
CA GLY A 174 -23.28 -7.95 2.63
C GLY A 174 -23.94 -6.63 2.80
N LEU A 175 -25.10 -6.47 2.17
CA LEU A 175 -25.93 -5.30 2.40
C LEU A 175 -26.44 -5.23 3.79
N ALA A 176 -26.85 -6.35 4.35
CA ALA A 176 -27.22 -6.26 5.75
C ALA A 176 -26.09 -5.89 6.70
N LEU A 177 -24.93 -6.44 6.44
CA LEU A 177 -23.81 -6.17 7.28
C LEU A 177 -23.46 -4.73 7.23
N ASN A 178 -23.31 -4.15 6.05
CA ASN A 178 -22.93 -2.75 5.95
C ASN A 178 -24.00 -1.77 6.41
N PHE A 179 -25.25 -2.10 6.14
CA PHE A 179 -26.40 -1.24 6.55
C PHE A 179 -26.51 -1.28 8.08
N SER A 180 -26.27 -2.43 8.69
CA SER A 180 -26.26 -2.48 10.13
C SER A 180 -25.10 -1.68 10.73
N VAL A 181 -23.92 -1.76 10.16
CA VAL A 181 -22.82 -0.94 10.65
C VAL A 181 -23.12 0.60 10.44
N PHE A 182 -23.89 0.93 9.43
CA PHE A 182 -24.26 2.34 9.25
C PHE A 182 -25.15 2.75 10.42
N TYR A 183 -26.15 1.94 10.75
CA TYR A 183 -27.05 2.37 11.85
C TYR A 183 -26.29 2.50 13.16
N TYR A 184 -25.49 1.50 13.48
CA TYR A 184 -24.74 1.51 14.77
C TYR A 184 -23.71 2.64 14.85
N GLU A 185 -22.95 2.92 13.80
CA GLU A 185 -21.94 3.97 13.91
C GLU A 185 -22.40 5.34 13.42
N ILE A 186 -22.88 5.41 12.18
CA ILE A 186 -23.36 6.66 11.63
C ILE A 186 -24.62 7.25 12.30
N LEU A 187 -25.60 6.39 12.61
CA LEU A 187 -26.85 6.82 13.23
C LEU A 187 -26.92 6.67 14.75
N ASN A 188 -25.88 6.09 15.35
CA ASN A 188 -25.89 5.92 16.82
C ASN A 188 -27.19 5.24 17.27
N SER A 189 -27.54 4.13 16.64
CA SER A 189 -28.76 3.39 16.96
C SER A 189 -28.47 1.92 17.18
N PRO A 190 -28.02 1.52 18.38
CA PRO A 190 -27.72 0.12 18.67
C PRO A 190 -28.91 -0.84 18.56
N GLU A 191 -30.10 -0.41 18.97
CA GLU A 191 -31.27 -1.32 18.89
C GLU A 191 -31.60 -1.67 17.44
N LYS A 192 -31.57 -0.69 16.54
CA LYS A 192 -31.86 -0.94 15.09
C LYS A 192 -30.76 -1.76 14.45
N ALA A 193 -29.51 -1.45 14.75
CA ALA A 193 -28.37 -2.14 14.13
C ALA A 193 -28.36 -3.62 14.53
N CYS A 194 -28.57 -3.92 15.80
CA CYS A 194 -28.52 -5.33 16.26
C CYS A 194 -29.66 -6.13 15.65
N SER A 195 -30.80 -5.50 15.56
CA SER A 195 -32.02 -6.13 15.01
C SER A 195 -31.80 -6.45 13.54
N LEU A 196 -31.18 -5.54 12.79
CA LEU A 196 -30.92 -5.74 11.34
C LEU A 196 -29.96 -6.90 11.10
N ALA A 197 -28.88 -6.97 11.87
CA ALA A 197 -27.89 -8.05 11.75
C ALA A 197 -28.46 -9.40 12.20
N LYS A 198 -29.22 -9.42 13.29
CA LYS A 198 -29.77 -10.72 13.77
C LYS A 198 -30.84 -11.32 12.78
N THR A 199 -31.74 -10.44 12.29
CA THR A 199 -32.65 -10.94 11.30
C THR A 199 -31.96 -11.51 10.10
N ALA A 200 -30.88 -10.81 9.62
CA ALA A 200 -30.23 -11.31 8.39
C ALA A 200 -29.60 -12.67 8.67
N PHE A 201 -28.99 -12.81 9.82
CA PHE A 201 -28.37 -14.06 10.15
C PHE A 201 -29.39 -15.19 10.30
N ASP A 202 -30.45 -14.88 11.05
CA ASP A 202 -31.54 -15.84 11.33
C ASP A 202 -32.22 -16.27 10.03
N GLU A 203 -32.58 -15.33 9.18
CA GLU A 203 -33.25 -15.70 7.91
C GLU A 203 -32.29 -16.53 7.06
N ALA A 204 -31.02 -16.15 7.03
CA ALA A 204 -30.03 -16.92 6.25
C ALA A 204 -29.88 -18.31 6.85
N ILE A 205 -29.85 -18.43 8.18
CA ILE A 205 -29.69 -19.79 8.75
C ILE A 205 -31.02 -20.55 8.65
N ALA A 206 -32.16 -19.90 8.54
CA ALA A 206 -33.41 -20.62 8.37
C ALA A 206 -33.36 -21.40 7.05
N GLU A 207 -32.66 -20.86 6.08
CA GLU A 207 -32.52 -21.49 4.79
C GLU A 207 -31.11 -21.94 4.50
N LEU A 208 -30.44 -22.45 5.50
CA LEU A 208 -29.07 -22.93 5.37
C LEU A 208 -28.89 -24.13 4.47
N ASP A 209 -29.92 -24.94 4.35
CA ASP A 209 -29.90 -26.13 3.55
C ASP A 209 -29.71 -25.87 2.07
N THR A 210 -30.01 -24.66 1.65
CA THR A 210 -29.92 -24.33 0.23
C THR A 210 -28.49 -24.22 -0.33
N LEU A 211 -27.55 -23.76 0.49
CA LEU A 211 -26.19 -23.56 0.03
C LEU A 211 -25.49 -24.79 -0.53
N SER A 212 -24.94 -24.63 -1.72
CA SER A 212 -24.24 -25.70 -2.47
C SER A 212 -22.88 -25.95 -1.83
N GLU A 213 -22.29 -27.11 -2.08
CA GLU A 213 -20.95 -27.41 -1.52
C GLU A 213 -19.94 -26.42 -2.08
N GLU A 214 -20.03 -26.10 -3.37
CA GLU A 214 -19.11 -25.13 -4.03
C GLU A 214 -19.30 -23.69 -3.54
N SER A 215 -20.55 -23.22 -3.42
CA SER A 215 -20.77 -21.78 -3.13
C SER A 215 -21.12 -21.44 -1.67
N TYR A 216 -20.98 -22.38 -0.75
CA TYR A 216 -21.38 -22.08 0.65
C TYR A 216 -20.52 -20.99 1.31
N LYS A 217 -19.22 -20.96 1.05
CA LYS A 217 -18.32 -20.07 1.77
C LYS A 217 -18.66 -18.62 1.51
N ASP A 218 -19.21 -18.31 0.34
CA ASP A 218 -19.50 -16.90 0.00
C ASP A 218 -20.52 -16.24 0.92
N SER A 219 -21.60 -16.94 1.22
CA SER A 219 -22.61 -16.45 2.20
C SER A 219 -22.13 -16.74 3.62
N THR A 220 -21.59 -17.92 3.87
CA THR A 220 -21.16 -18.27 5.23
C THR A 220 -20.16 -17.26 5.79
N LEU A 221 -19.20 -16.81 4.98
CA LEU A 221 -18.22 -15.87 5.55
C LEU A 221 -18.94 -14.63 6.06
N ILE A 222 -19.85 -14.09 5.26
CA ILE A 222 -20.55 -12.84 5.64
C ILE A 222 -21.33 -13.08 6.92
N MET A 223 -21.93 -14.26 7.04
CA MET A 223 -22.75 -14.61 8.24
C MET A 223 -21.86 -14.63 9.48
N GLN A 224 -20.64 -15.13 9.36
CA GLN A 224 -19.74 -15.16 10.53
C GLN A 224 -19.54 -13.71 10.97
N LEU A 225 -19.45 -12.82 10.00
CA LEU A 225 -19.25 -11.42 10.28
C LEU A 225 -20.41 -10.70 10.93
N LEU A 226 -21.64 -11.07 10.49
CA LEU A 226 -22.82 -10.52 11.15
C LEU A 226 -22.83 -10.94 12.62
N ARG A 227 -22.46 -12.18 12.89
CA ARG A 227 -22.39 -12.68 14.26
C ARG A 227 -21.35 -11.95 15.13
N ASP A 228 -20.18 -11.63 14.58
CA ASP A 228 -19.14 -10.97 15.34
C ASP A 228 -19.51 -9.57 15.72
N ASN A 229 -20.11 -8.86 14.77
CA ASN A 229 -20.60 -7.50 15.06
C ASN A 229 -21.64 -7.65 16.18
N LEU A 230 -22.55 -8.60 16.06
CA LEU A 230 -23.57 -8.77 17.08
C LEU A 230 -22.93 -9.12 18.43
N THR A 231 -21.94 -9.99 18.41
CA THR A 231 -21.26 -10.36 19.65
C THR A 231 -20.56 -9.14 20.24
N LEU A 232 -19.91 -8.38 19.36
CA LEU A 232 -19.20 -7.18 19.76
C LEU A 232 -20.12 -6.09 20.31
N TRP A 233 -21.28 -5.94 19.68
CA TRP A 233 -22.24 -4.91 20.07
C TRP A 233 -23.04 -5.26 21.31
N THR A 234 -22.99 -6.50 21.75
CA THR A 234 -23.84 -6.99 22.80
C THR A 234 -22.97 -7.21 24.00
N SER A 235 -21.69 -6.88 23.91
CA SER A 235 -20.76 -7.12 24.99
C SER A 235 -19.76 -5.99 25.06
N MET B 6 10.24 26.79 4.21
CA MET B 6 9.31 26.09 5.13
C MET B 6 10.04 25.80 6.46
N ASP B 7 9.13 25.25 7.58
CA ASP B 7 10.00 25.05 8.76
C ASP B 7 10.59 23.65 8.63
N LYS B 8 11.91 23.53 8.65
CA LYS B 8 12.55 22.20 8.47
C LYS B 8 12.11 21.27 9.58
N ASN B 9 12.02 21.75 10.82
CA ASN B 9 11.50 20.84 11.88
C ASN B 9 10.01 20.53 11.67
N GLU B 10 9.20 21.60 11.04
CA GLU B 10 7.77 21.17 10.97
C GLU B 10 7.65 20.02 9.97
N LEU B 11 8.38 20.14 8.85
CA LEU B 11 8.48 19.13 7.77
C LEU B 11 8.98 17.83 8.38
N VAL B 12 9.94 17.90 9.29
CA VAL B 12 10.48 16.65 9.88
C VAL B 12 9.38 16.01 10.72
N GLN B 13 8.58 16.82 11.40
CA GLN B 13 7.52 16.25 12.24
C GLN B 13 6.50 15.58 11.31
N LYS B 14 6.10 16.30 10.27
CA LYS B 14 5.05 15.88 9.30
C LYS B 14 5.50 14.56 8.67
N ALA B 15 6.79 14.40 8.43
CA ALA B 15 7.29 13.14 7.86
C ALA B 15 7.03 12.01 8.86
N LYS B 16 7.19 12.25 10.16
CA LYS B 16 6.92 11.20 11.18
C LYS B 16 5.46 10.81 11.14
N LEU B 17 4.56 11.79 10.95
CA LEU B 17 3.11 11.51 10.87
C LEU B 17 2.84 10.63 9.65
N ALA B 18 3.39 11.02 8.51
CA ALA B 18 3.16 10.25 7.27
C ALA B 18 3.59 8.81 7.49
N GLU B 19 4.80 8.58 7.97
CA GLU B 19 5.29 7.21 8.22
C GLU B 19 4.30 6.43 9.09
N GLN B 20 3.83 7.04 10.18
CA GLN B 20 2.88 6.31 11.06
C GLN B 20 1.63 5.98 10.25
N ALA B 21 1.26 6.87 9.35
CA ALA B 21 0.11 6.65 8.49
C ALA B 21 0.34 5.73 7.24
N GLU B 22 1.60 5.32 7.09
CA GLU B 22 2.04 4.55 5.98
C GLU B 22 1.83 5.29 4.64
N ARG B 23 1.95 6.61 4.74
CA ARG B 23 1.89 7.48 3.54
C ARG B 23 3.35 7.83 3.21
N TYR B 24 4.04 6.95 2.47
CA TYR B 24 5.43 7.22 2.16
C TYR B 24 5.70 8.29 1.12
N ASP B 25 4.85 8.42 0.13
CA ASP B 25 5.14 9.47 -0.91
C ASP B 25 5.09 10.84 -0.15
N ASP B 26 4.16 11.01 0.77
CA ASP B 26 4.17 12.22 1.57
C ASP B 26 5.43 12.31 2.41
N MET B 27 5.83 11.23 3.05
CA MET B 27 7.05 11.21 3.84
C MET B 27 8.29 11.59 3.07
N ALA B 28 8.39 11.04 1.88
CA ALA B 28 9.51 11.33 0.99
C ALA B 28 9.52 12.80 0.62
N ALA B 29 8.36 13.38 0.27
CA ALA B 29 8.24 14.83 -0.19
C ALA B 29 8.73 15.68 0.99
N CYS B 30 8.32 15.35 2.23
CA CYS B 30 8.78 16.15 3.39
C CYS B 30 10.29 16.09 3.48
N MET B 31 10.86 14.86 3.48
CA MET B 31 12.32 14.71 3.71
C MET B 31 13.11 15.23 2.56
N LYS B 32 12.58 15.21 1.34
CA LYS B 32 13.35 15.75 0.21
C LYS B 32 13.57 17.24 0.42
N SER B 33 12.55 17.93 0.92
CA SER B 33 12.66 19.39 1.15
C SER B 33 13.70 19.70 2.23
N VAL B 34 13.73 18.88 3.27
CA VAL B 34 14.68 19.12 4.39
C VAL B 34 16.12 19.07 3.86
N THR B 35 16.42 18.07 3.02
CA THR B 35 17.77 17.83 2.45
C THR B 35 18.19 19.00 1.55
N GLU B 36 17.23 19.56 0.82
CA GLU B 36 17.41 20.69 -0.14
C GLU B 36 17.84 21.97 0.58
N GLN B 37 17.49 22.09 1.87
CA GLN B 37 17.83 23.27 2.70
C GLN B 37 19.36 23.40 2.81
N GLY B 38 20.07 22.27 2.90
CA GLY B 38 21.55 22.24 3.01
C GLY B 38 21.96 21.86 4.41
N ALA B 39 20.99 21.75 5.30
CA ALA B 39 21.34 21.34 6.68
C ALA B 39 21.90 19.93 6.62
N GLU B 40 22.98 19.67 7.36
CA GLU B 40 23.45 18.26 7.39
C GLU B 40 22.34 17.49 8.10
N LEU B 41 21.92 16.36 7.53
CA LEU B 41 20.85 15.56 8.16
C LEU B 41 21.36 14.98 9.48
N SER B 42 20.52 15.01 10.51
CA SER B 42 20.90 14.40 11.80
C SER B 42 20.68 12.88 11.70
N ASN B 43 21.23 12.11 12.61
CA ASN B 43 21.03 10.64 12.48
C ASN B 43 19.54 10.30 12.54
N GLU B 44 18.67 11.28 12.68
CA GLU B 44 17.25 10.97 12.67
C GLU B 44 16.67 11.40 11.35
N GLU B 45 17.04 12.58 10.85
CA GLU B 45 16.52 13.01 9.52
C GLU B 45 17.03 12.12 8.47
N ARG B 46 18.27 11.65 8.61
CA ARG B 46 18.84 10.75 7.58
C ARG B 46 18.06 9.43 7.55
N ASN B 47 17.76 8.84 8.69
CA ASN B 47 16.94 7.62 8.72
C ASN B 47 15.58 7.86 8.09
N LEU B 48 14.94 8.97 8.44
CA LEU B 48 13.58 9.21 7.89
C LEU B 48 13.62 9.31 6.37
N LEU B 49 14.62 10.00 5.83
CA LEU B 49 14.73 10.17 4.37
C LEU B 49 14.94 8.81 3.70
N SER B 50 15.74 7.99 4.33
CA SER B 50 16.02 6.65 3.83
C SER B 50 14.77 5.74 3.90
N VAL B 51 14.08 5.72 5.05
CA VAL B 51 12.86 4.87 5.16
C VAL B 51 11.81 5.29 4.12
N ALA B 52 11.65 6.60 3.90
CA ALA B 52 10.62 7.08 2.99
C ALA B 52 10.95 6.53 1.60
N TYR B 53 12.18 6.79 1.17
CA TYR B 53 12.58 6.40 -0.21
C TYR B 53 12.62 4.88 -0.38
N LYS B 54 13.02 4.18 0.68
CA LYS B 54 13.13 2.71 0.64
C LYS B 54 11.73 2.24 0.23
N ASN B 55 10.73 2.74 0.93
CA ASN B 55 9.38 2.26 0.73
C ASN B 55 8.79 2.71 -0.61
N VAL B 56 9.07 3.94 -1.08
CA VAL B 56 8.67 4.41 -2.44
C VAL B 56 9.23 3.51 -3.52
N VAL B 57 10.55 3.30 -3.51
CA VAL B 57 11.14 2.49 -4.56
C VAL B 57 10.79 1.05 -4.35
N GLY B 58 10.71 0.63 -3.08
CA GLY B 58 10.39 -0.78 -2.90
C GLY B 58 9.06 -1.26 -3.44
N ALA B 59 8.08 -0.40 -3.38
CA ALA B 59 6.81 -0.74 -4.00
C ALA B 59 6.94 -1.00 -5.51
N ARG B 60 7.74 -0.17 -6.17
CA ARG B 60 7.97 -0.36 -7.63
C ARG B 60 8.74 -1.66 -7.88
N ARG B 61 9.73 -1.95 -7.04
CA ARG B 61 10.62 -3.13 -7.17
C ARG B 61 9.77 -4.39 -7.02
N SER B 62 8.78 -4.35 -6.13
CA SER B 62 7.92 -5.50 -5.94
C SER B 62 6.93 -5.65 -7.10
N SER B 63 6.33 -4.58 -7.52
CA SER B 63 5.44 -4.68 -8.74
C SER B 63 6.14 -5.08 -9.99
N TRP B 64 7.36 -4.65 -10.17
CA TRP B 64 8.19 -5.08 -11.28
C TRP B 64 8.36 -6.57 -11.28
N ARG B 65 8.77 -7.13 -10.13
CA ARG B 65 9.03 -8.58 -10.10
C ARG B 65 7.76 -9.32 -10.47
N VAL B 66 6.64 -8.89 -9.92
CA VAL B 66 5.38 -9.52 -10.25
C VAL B 66 5.04 -9.40 -11.73
N VAL B 67 5.06 -8.22 -12.34
CA VAL B 67 4.68 -8.08 -13.72
C VAL B 67 5.69 -8.79 -14.64
N SER B 68 6.92 -8.91 -14.21
CA SER B 68 7.83 -9.70 -14.97
C SER B 68 7.45 -11.17 -14.86
N SER B 69 7.11 -11.60 -13.66
CA SER B 69 6.92 -13.01 -13.44
C SER B 69 5.85 -13.45 -14.38
N ILE B 70 4.84 -12.63 -14.53
CA ILE B 70 3.75 -12.93 -15.46
C ILE B 70 4.37 -13.09 -16.83
N GLU B 71 5.32 -12.24 -17.19
CA GLU B 71 5.85 -12.37 -18.57
C GLU B 71 6.48 -13.76 -18.77
N GLN B 72 7.29 -14.24 -17.83
CA GLN B 72 7.88 -15.58 -17.97
C GLN B 72 6.80 -16.65 -17.83
N LYS B 73 5.79 -16.44 -16.96
CA LYS B 73 4.69 -17.43 -16.86
C LYS B 73 3.56 -17.03 -17.81
N GLU B 78 -0.92 -14.47 -25.67
CA GLU B 78 0.03 -13.74 -26.54
C GLU B 78 -0.23 -12.24 -26.44
N LYS B 79 -1.50 -11.82 -26.51
CA LYS B 79 -1.88 -10.38 -26.40
C LYS B 79 -1.58 -9.90 -24.99
N LYS B 80 -1.80 -10.77 -24.00
CA LYS B 80 -1.50 -10.33 -22.62
C LYS B 80 0.00 -10.07 -22.54
N GLN B 81 0.81 -10.97 -23.06
CA GLN B 81 2.28 -10.76 -22.93
C GLN B 81 2.65 -9.39 -23.51
N GLN B 82 2.02 -8.97 -24.60
CA GLN B 82 2.35 -7.62 -25.13
C GLN B 82 2.00 -6.56 -24.09
N MET B 83 0.82 -6.66 -23.48
CA MET B 83 0.36 -5.66 -22.49
C MET B 83 1.22 -5.69 -21.22
N ALA B 84 1.65 -6.86 -20.77
CA ALA B 84 2.46 -6.89 -19.55
C ALA B 84 3.76 -6.09 -19.76
N ARG B 85 4.42 -6.28 -20.89
CA ARG B 85 5.69 -5.58 -21.14
C ARG B 85 5.38 -4.10 -21.12
N GLU B 86 4.24 -3.73 -21.67
CA GLU B 86 3.84 -2.30 -21.70
C GLU B 86 3.76 -1.81 -20.25
N TYR B 87 3.14 -2.60 -19.36
CA TYR B 87 3.05 -2.25 -17.93
C TYR B 87 4.43 -2.30 -17.28
N ARG B 88 5.23 -3.31 -17.60
CA ARG B 88 6.56 -3.46 -16.97
C ARG B 88 7.39 -2.22 -17.30
N GLU B 89 7.30 -1.73 -18.53
CA GLU B 89 8.06 -0.54 -18.88
C GLU B 89 7.60 0.72 -18.12
N LYS B 90 6.30 0.85 -17.95
CA LYS B 90 5.76 1.99 -17.15
C LYS B 90 6.25 1.98 -15.65
N ILE B 91 6.23 0.81 -15.06
CA ILE B 91 6.70 0.67 -13.67
C ILE B 91 8.20 0.98 -13.70
N GLU B 92 8.93 0.45 -14.70
CA GLU B 92 10.41 0.69 -14.80
C GLU B 92 10.68 2.21 -14.84
N THR B 93 9.91 2.95 -15.64
CA THR B 93 10.11 4.40 -15.75
C THR B 93 9.90 5.07 -14.35
N GLU B 94 8.89 4.65 -13.60
CA GLU B 94 8.70 5.26 -12.27
C GLU B 94 9.91 4.95 -11.39
N LEU B 95 10.31 3.69 -11.41
CA LEU B 95 11.44 3.22 -10.58
C LEU B 95 12.69 4.00 -10.93
N ARG B 96 13.01 4.11 -12.22
CA ARG B 96 14.23 4.86 -12.60
C ARG B 96 14.12 6.28 -12.04
N ASP B 97 12.95 6.89 -12.24
CA ASP B 97 12.74 8.25 -11.81
C ASP B 97 12.98 8.44 -10.32
N ILE B 98 12.51 7.52 -9.51
CA ILE B 98 12.70 7.57 -8.05
C ILE B 98 14.18 7.35 -7.69
N CYS B 99 14.81 6.38 -8.30
CA CYS B 99 16.27 6.25 -8.12
C CYS B 99 17.08 7.44 -8.48
N ASN B 100 16.78 8.02 -9.63
CA ASN B 100 17.52 9.25 -10.00
C ASN B 100 17.30 10.41 -9.07
N ASP B 101 16.17 10.45 -8.40
CA ASP B 101 15.86 11.49 -7.46
C ASP B 101 16.76 11.34 -6.30
N VAL B 102 16.81 10.14 -5.76
CA VAL B 102 17.61 9.90 -4.59
C VAL B 102 19.07 10.11 -4.92
N LEU B 103 19.50 9.63 -6.07
CA LEU B 103 20.90 9.72 -6.48
C LEU B 103 21.29 11.18 -6.62
N SER B 104 20.35 12.00 -7.08
CA SER B 104 20.66 13.45 -7.18
C SER B 104 20.86 14.01 -5.77
N LEU B 105 19.96 13.68 -4.85
CA LEU B 105 20.10 14.20 -3.49
C LEU B 105 21.45 13.69 -2.99
N LEU B 106 21.69 12.40 -3.01
CA LEU B 106 22.92 11.89 -2.39
C LEU B 106 24.15 12.57 -2.93
N GLU B 107 24.30 12.53 -4.24
CA GLU B 107 25.49 13.09 -4.92
C GLU B 107 25.57 14.59 -4.68
N LYS B 108 24.53 15.31 -5.03
CA LYS B 108 24.47 16.80 -4.93
C LYS B 108 24.49 17.37 -3.50
N PHE B 109 23.84 16.75 -2.51
CA PHE B 109 23.83 17.41 -1.18
C PHE B 109 24.29 16.52 -0.04
N LEU B 110 23.69 15.34 0.08
CA LEU B 110 23.93 14.46 1.24
C LEU B 110 25.41 14.06 1.38
N ILE B 111 26.07 13.69 0.30
CA ILE B 111 27.48 13.22 0.38
C ILE B 111 28.45 14.38 0.62
N PRO B 112 28.35 15.51 -0.09
CA PRO B 112 29.27 16.64 0.08
C PRO B 112 29.23 17.27 1.47
N ASN B 113 28.03 17.49 1.99
CA ASN B 113 27.86 18.09 3.34
C ASN B 113 28.40 17.14 4.41
N ALA B 114 28.26 15.83 4.21
CA ALA B 114 28.67 14.85 5.24
C ALA B 114 30.12 15.09 5.63
N SER B 115 30.35 15.17 6.94
CA SER B 115 31.70 15.40 7.51
C SER B 115 32.09 14.17 8.33
N GLN B 116 31.19 13.73 9.20
CA GLN B 116 31.55 12.56 10.03
C GLN B 116 31.66 11.35 9.11
N ALA B 117 32.48 10.38 9.49
CA ALA B 117 32.68 9.13 8.72
C ALA B 117 31.44 8.23 8.80
N GLU B 118 30.78 8.15 9.96
CA GLU B 118 29.61 7.24 10.09
C GLU B 118 28.56 7.61 9.06
N SER B 119 28.27 8.90 8.91
CA SER B 119 27.27 9.35 7.92
C SER B 119 27.76 9.06 6.50
N LYS B 120 29.04 9.32 6.23
CA LYS B 120 29.57 9.14 4.85
C LYS B 120 29.44 7.66 4.45
N VAL B 121 29.72 6.74 5.37
CA VAL B 121 29.61 5.30 5.04
C VAL B 121 28.14 5.00 4.67
N PHE B 122 27.22 5.53 5.46
CA PHE B 122 25.78 5.29 5.26
C PHE B 122 25.31 5.85 3.92
N TYR B 123 25.72 7.07 3.56
CA TYR B 123 25.30 7.69 2.28
C TYR B 123 25.87 6.93 1.06
N LEU B 124 27.11 6.48 1.13
CA LEU B 124 27.77 5.72 0.06
C LEU B 124 27.15 4.36 -0.12
N LYS B 125 26.77 3.70 0.96
CA LYS B 125 25.94 2.45 0.91
C LYS B 125 24.64 2.75 0.17
N MET B 126 23.93 3.83 0.43
CA MET B 126 22.63 4.19 -0.22
C MET B 126 22.91 4.37 -1.69
N LYS B 127 23.99 5.05 -2.07
CA LYS B 127 24.28 5.25 -3.48
C LYS B 127 24.50 3.86 -4.11
N GLY B 128 25.23 2.89 -3.48
CA GLY B 128 25.41 1.56 -3.98
C GLY B 128 24.00 0.90 -4.15
N ASP B 129 23.10 1.04 -3.18
CA ASP B 129 21.76 0.39 -3.31
C ASP B 129 20.96 0.96 -4.45
N TYR B 130 20.96 2.28 -4.60
CA TYR B 130 20.10 2.89 -5.64
C TYR B 130 20.63 2.61 -7.03
N TYR B 131 21.94 2.45 -7.15
CA TYR B 131 22.49 2.07 -8.47
C TYR B 131 22.17 0.58 -8.67
N ARG B 132 22.18 -0.20 -7.58
CA ARG B 132 21.81 -1.64 -7.70
C ARG B 132 20.34 -1.75 -8.18
N TYR B 133 19.44 -0.93 -7.70
CA TYR B 133 18.10 -1.00 -8.22
C TYR B 133 18.00 -0.60 -9.66
N LEU B 134 18.75 0.39 -10.08
CA LEU B 134 18.78 0.77 -11.51
C LEU B 134 19.35 -0.37 -12.36
N ALA B 135 20.35 -1.09 -11.80
CA ALA B 135 20.98 -2.19 -12.55
C ALA B 135 19.97 -3.29 -12.81
N GLU B 136 19.11 -3.56 -11.85
CA GLU B 136 18.11 -4.66 -11.99
C GLU B 136 17.20 -4.40 -13.19
N VAL B 137 17.00 -3.14 -13.57
CA VAL B 137 16.08 -2.84 -14.70
C VAL B 137 16.84 -2.03 -15.75
N ALA B 138 18.16 -2.00 -15.63
CA ALA B 138 19.02 -1.18 -16.51
C ALA B 138 18.91 -1.64 -17.96
N ALA B 139 18.87 -0.67 -18.87
CA ALA B 139 18.84 -0.92 -20.33
C ALA B 139 20.18 -1.58 -20.67
N GLY B 140 20.22 -2.52 -21.61
CA GLY B 140 21.48 -3.27 -21.83
C GLY B 140 22.67 -2.40 -22.19
N ASP B 141 22.46 -1.32 -22.91
CA ASP B 141 23.56 -0.44 -23.28
C ASP B 141 24.26 0.21 -22.10
N ASP B 142 23.49 0.76 -21.17
CA ASP B 142 24.10 1.48 -20.03
C ASP B 142 24.31 0.54 -18.85
N LYS B 143 23.98 -0.74 -19.01
CA LYS B 143 24.07 -1.64 -17.89
C LYS B 143 25.44 -1.76 -17.25
N LYS B 144 26.49 -1.71 -18.05
CA LYS B 144 27.85 -1.84 -17.47
C LYS B 144 28.21 -0.59 -16.67
N GLY B 145 27.85 0.58 -17.17
CA GLY B 145 28.19 1.81 -16.44
C GLY B 145 27.50 1.85 -15.10
N ILE B 146 26.22 1.48 -15.07
CA ILE B 146 25.41 1.51 -13.83
C ILE B 146 25.95 0.52 -12.80
N VAL B 147 26.33 -0.67 -13.22
CA VAL B 147 26.89 -1.65 -12.24
C VAL B 147 28.19 -1.09 -11.71
N ASP B 148 29.01 -0.54 -12.60
CA ASP B 148 30.31 0.05 -12.22
C ASP B 148 30.07 1.06 -11.10
N GLN B 149 29.01 1.83 -11.25
CA GLN B 149 28.72 2.90 -10.27
C GLN B 149 28.28 2.29 -8.94
N SER B 150 27.52 1.20 -8.97
CA SER B 150 27.04 0.61 -7.73
C SER B 150 28.19 0.02 -6.97
N GLN B 151 29.04 -0.68 -7.68
CA GLN B 151 30.16 -1.33 -7.06
C GLN B 151 31.13 -0.34 -6.47
N GLN B 152 31.37 0.71 -7.21
CA GLN B 152 32.31 1.72 -6.78
C GLN B 152 31.82 2.36 -5.49
N ALA B 153 30.52 2.65 -5.39
CA ALA B 153 29.95 3.32 -4.20
C ALA B 153 30.13 2.37 -3.00
N TYR B 154 29.81 1.10 -3.24
CA TYR B 154 29.90 0.06 -2.19
C TYR B 154 31.35 -0.10 -1.74
N GLN B 155 32.27 -0.20 -2.70
CA GLN B 155 33.70 -0.42 -2.35
C GLN B 155 34.22 0.76 -1.53
N GLU B 156 33.90 1.97 -1.97
CA GLU B 156 34.43 3.18 -1.29
C GLU B 156 33.93 3.17 0.16
N ALA B 157 32.65 2.89 0.35
CA ALA B 157 32.05 2.80 1.69
C ALA B 157 32.67 1.61 2.43
N PHE B 158 32.92 0.52 1.72
CA PHE B 158 33.47 -0.66 2.40
C PHE B 158 34.83 -0.33 3.01
N GLU B 159 35.71 0.30 2.24
CA GLU B 159 37.05 0.59 2.81
C GLU B 159 36.92 1.52 4.01
N ILE B 160 36.15 2.60 3.87
CA ILE B 160 36.02 3.61 4.96
C ILE B 160 35.44 2.92 6.20
N SER B 161 34.49 2.01 5.99
CA SER B 161 33.89 1.27 7.11
C SER B 161 35.06 0.59 7.81
N LYS B 162 35.83 -0.20 7.08
CA LYS B 162 36.89 -0.91 7.72
C LYS B 162 37.79 -0.11 8.64
N LYS B 163 38.08 1.11 8.20
CA LYS B 163 39.08 1.92 8.95
C LYS B 163 38.42 2.79 10.02
N GLU B 164 37.10 2.88 10.08
CA GLU B 164 36.56 3.79 11.10
C GLU B 164 35.58 3.11 12.08
N MET B 165 35.07 1.93 11.73
CA MET B 165 34.05 1.32 12.61
C MET B 165 34.61 0.03 13.20
N GLN B 166 33.83 -0.60 14.07
CA GLN B 166 34.18 -1.90 14.68
C GLN B 166 33.26 -2.86 13.91
N PRO B 167 33.49 -4.19 13.90
CA PRO B 167 32.62 -5.08 13.15
C PRO B 167 31.17 -5.03 13.64
N THR B 168 30.98 -4.85 14.94
CA THR B 168 29.64 -4.88 15.58
C THR B 168 28.76 -3.71 15.10
N HIS B 169 29.32 -2.65 14.52
CA HIS B 169 28.47 -1.50 14.14
C HIS B 169 27.39 -1.96 13.16
N PRO B 170 26.09 -1.69 13.39
CA PRO B 170 25.01 -2.07 12.42
C PRO B 170 25.15 -1.49 10.99
N ILE B 171 25.74 -0.31 10.86
CA ILE B 171 25.87 0.22 9.52
C ILE B 171 26.92 -0.55 8.77
N ARG B 172 27.98 -0.94 9.47
CA ARG B 172 29.05 -1.73 8.80
C ARG B 172 28.47 -3.09 8.44
N LEU B 173 27.84 -3.77 9.23
CA LEU B 173 27.09 -5.01 9.04
C LEU B 173 26.05 -4.94 7.91
N GLY B 174 25.24 -3.86 7.91
CA GLY B 174 24.25 -3.65 6.79
C GLY B 174 24.88 -3.41 5.46
N LEU B 175 26.03 -2.75 5.49
CA LEU B 175 26.84 -2.56 4.31
C LEU B 175 27.35 -3.88 3.82
N ALA B 176 27.82 -4.74 4.70
CA ALA B 176 28.22 -6.03 4.21
C ALA B 176 27.10 -6.88 3.61
N LEU B 177 25.93 -6.80 4.22
CA LEU B 177 24.81 -7.58 3.75
C LEU B 177 24.45 -7.13 2.38
N ASN B 178 24.28 -5.83 2.21
CA ASN B 178 23.87 -5.33 0.91
C ASN B 178 24.89 -5.54 -0.17
N PHE B 179 26.15 -5.24 0.16
CA PHE B 179 27.27 -5.41 -0.79
C PHE B 179 27.45 -6.87 -1.20
N SER B 180 27.23 -7.77 -0.25
CA SER B 180 27.21 -9.18 -0.54
C SER B 180 26.13 -9.51 -1.56
N VAL B 181 24.91 -9.08 -1.29
CA VAL B 181 23.80 -9.35 -2.20
C VAL B 181 24.05 -8.71 -3.63
N PHE B 182 24.70 -7.56 -3.70
CA PHE B 182 25.15 -7.00 -4.94
C PHE B 182 26.03 -8.04 -5.65
N TYR B 183 27.05 -8.57 -4.99
CA TYR B 183 27.93 -9.48 -5.75
C TYR B 183 27.17 -10.69 -6.27
N TYR B 184 26.37 -11.33 -5.41
CA TYR B 184 25.66 -12.55 -5.87
C TYR B 184 24.60 -12.25 -6.93
N GLU B 185 23.74 -11.27 -6.69
CA GLU B 185 22.64 -10.98 -7.64
C GLU B 185 23.08 -10.30 -8.92
N ILE B 186 23.96 -9.29 -8.84
CA ILE B 186 24.31 -8.54 -10.08
C ILE B 186 25.64 -9.00 -10.69
N LEU B 187 26.71 -9.28 -9.69
CA LEU B 187 27.96 -9.66 -10.39
C LEU B 187 27.98 -11.17 -10.58
N ASN B 188 26.95 -11.91 -10.14
CA ASN B 188 26.97 -13.38 -10.40
C ASN B 188 28.30 -13.93 -9.91
N SER B 189 28.75 -13.48 -8.75
CA SER B 189 30.05 -13.92 -8.17
C SER B 189 29.74 -14.49 -6.79
N PRO B 190 29.15 -15.69 -6.72
CA PRO B 190 28.72 -16.26 -5.46
C PRO B 190 29.88 -16.43 -4.48
N GLU B 191 31.05 -16.82 -4.95
CA GLU B 191 32.17 -16.99 -3.99
C GLU B 191 32.48 -15.64 -3.33
N LYS B 192 32.47 -14.53 -4.08
CA LYS B 192 32.80 -13.29 -3.44
C LYS B 192 31.68 -13.13 -2.42
N ALA B 193 30.45 -13.06 -2.93
CA ALA B 193 29.31 -12.70 -2.06
C ALA B 193 29.33 -13.62 -0.84
N CYS B 194 29.55 -14.92 -1.04
CA CYS B 194 29.59 -15.84 0.12
C CYS B 194 30.82 -15.52 0.98
N SER B 195 31.97 -15.34 0.32
CA SER B 195 33.21 -15.09 1.08
C SER B 195 33.10 -13.76 1.81
N LEU B 196 32.61 -12.73 1.13
CA LEU B 196 32.51 -11.40 1.76
C LEU B 196 31.53 -11.48 2.93
N ALA B 197 30.41 -12.15 2.75
CA ALA B 197 29.40 -12.26 3.83
C ALA B 197 29.97 -13.03 5.02
N LYS B 198 30.70 -14.11 4.76
CA LYS B 198 31.22 -14.92 5.89
C LYS B 198 32.21 -14.10 6.73
N THR B 199 33.06 -13.31 6.08
CA THR B 199 34.08 -12.54 6.82
C THR B 199 33.42 -11.54 7.77
N ALA B 200 32.37 -10.85 7.32
CA ALA B 200 31.73 -9.84 8.20
C ALA B 200 31.13 -10.53 9.42
N PHE B 201 30.47 -11.66 9.20
CA PHE B 201 29.79 -12.39 10.31
C PHE B 201 30.94 -12.72 11.27
N ASP B 202 31.92 -13.46 10.79
CA ASP B 202 32.99 -14.01 11.67
C ASP B 202 33.62 -12.86 12.47
N GLU B 203 33.90 -11.73 11.82
CA GLU B 203 34.47 -10.56 12.53
C GLU B 203 33.44 -10.03 13.53
N ALA B 204 32.17 -10.03 13.14
CA ALA B 204 31.10 -9.57 14.04
C ALA B 204 31.02 -10.52 15.23
N ILE B 205 31.16 -11.82 14.97
CA ILE B 205 31.07 -12.86 16.03
C ILE B 205 32.21 -12.70 17.05
N ALA B 206 33.41 -12.35 16.60
CA ALA B 206 34.53 -12.29 17.57
C ALA B 206 34.43 -11.10 18.55
N GLU B 207 34.25 -9.87 18.06
CA GLU B 207 34.23 -8.76 19.04
C GLU B 207 32.95 -8.84 19.88
N LEU B 208 31.83 -9.03 19.19
CA LEU B 208 30.46 -9.11 19.76
C LEU B 208 30.39 -8.27 21.03
N ASP B 209 30.84 -7.02 20.97
CA ASP B 209 30.79 -6.12 22.14
C ASP B 209 30.62 -4.67 21.67
N TYR B 216 24.35 -2.92 22.57
CA TYR B 216 23.57 -2.65 21.34
C TYR B 216 23.16 -3.98 20.70
N LYS B 217 21.87 -4.19 20.47
CA LYS B 217 21.37 -5.47 19.92
C LYS B 217 20.77 -5.32 18.53
N ASP B 218 21.10 -4.26 17.79
CA ASP B 218 20.53 -4.07 16.43
C ASP B 218 21.34 -4.91 15.42
N SER B 219 22.64 -5.05 15.68
CA SER B 219 23.64 -5.86 14.95
C SER B 219 23.18 -7.32 14.88
N THR B 220 22.59 -7.82 15.96
CA THR B 220 22.13 -9.23 16.01
C THR B 220 21.11 -9.47 14.90
N LEU B 221 20.19 -8.52 14.71
CA LEU B 221 19.17 -8.63 13.65
C LEU B 221 19.89 -8.87 12.32
N ILE B 222 20.94 -8.10 12.07
CA ILE B 222 21.69 -8.21 10.78
C ILE B 222 22.37 -9.57 10.66
N MET B 223 22.92 -10.10 11.75
CA MET B 223 23.68 -11.37 11.68
C MET B 223 22.77 -12.50 11.18
N GLN B 224 21.53 -12.54 11.65
CA GLN B 224 20.60 -13.59 11.17
C GLN B 224 20.41 -13.41 9.67
N LEU B 225 20.25 -12.17 9.19
CA LEU B 225 20.06 -11.96 7.72
C LEU B 225 21.28 -12.50 6.98
N LEU B 226 22.48 -12.23 7.48
CA LEU B 226 23.69 -12.78 6.82
C LEU B 226 23.61 -14.30 6.87
N ARG B 227 23.23 -14.85 8.02
CA ARG B 227 23.11 -16.32 8.19
C ARG B 227 22.04 -16.84 7.24
N ASP B 228 20.94 -16.11 7.07
CA ASP B 228 19.84 -16.55 6.17
C ASP B 228 20.37 -16.66 4.75
N ASN B 229 21.18 -15.69 4.34
CA ASN B 229 21.68 -15.72 2.94
C ASN B 229 22.81 -16.74 2.78
N LEU B 230 23.81 -16.78 3.65
CA LEU B 230 24.87 -17.75 3.31
C LEU B 230 24.13 -19.09 3.19
N THR B 231 23.16 -19.30 4.06
CA THR B 231 22.38 -20.56 4.11
C THR B 231 21.62 -20.77 2.81
N LEU B 232 20.95 -19.75 2.28
CA LEU B 232 20.18 -19.99 1.04
C LEU B 232 21.16 -20.34 -0.08
N TRP B 233 22.28 -19.61 -0.14
CA TRP B 233 23.32 -19.84 -1.16
C TRP B 233 23.94 -21.23 -0.96
N THR B 234 24.13 -21.62 0.30
CA THR B 234 24.73 -22.96 0.61
C THR B 234 23.94 -24.04 -0.13
N ILE C 3 12.46 -17.12 -4.51
CA ILE C 3 12.98 -16.60 -3.23
C ILE C 3 14.00 -15.48 -3.50
N VAL C 4 13.75 -14.29 -2.91
CA VAL C 4 14.63 -13.12 -3.05
C VAL C 4 15.55 -12.94 -1.82
N PRO C 5 16.86 -12.63 -2.03
CA PRO C 5 17.78 -12.47 -0.89
C PRO C 5 17.49 -11.22 -0.06
N ALA C 6 17.72 -11.32 1.26
CA ALA C 6 17.47 -10.25 2.23
C ALA C 6 18.43 -9.07 2.10
N LEU C 8 18.87 -4.64 3.57
CA LEU C 8 18.47 -3.59 4.51
C LEU C 8 18.34 -2.21 3.84
N PRO C 9 17.31 -1.37 4.18
CA PRO C 9 16.22 -1.60 5.16
C PRO C 9 15.20 -2.64 4.70
N GLN C 10 14.27 -3.04 5.60
CA GLN C 10 13.27 -4.07 5.29
C GLN C 10 11.93 -3.80 5.99
N LEU C 11 10.80 -4.01 5.26
CA LEU C 11 9.45 -3.84 5.76
C LEU C 11 8.71 -5.18 5.81
N TYR C 21 -9.81 -3.27 16.89
CA TYR C 21 -10.52 -2.35 17.78
C TYR C 21 -12.04 -2.58 17.70
N ARG C 22 -12.69 -2.10 16.60
CA ARG C 22 -14.11 -2.24 16.32
C ARG C 22 -14.42 -2.13 14.80
N GLN C 23 -15.69 -2.42 14.41
CA GLN C 23 -16.23 -2.41 13.04
C GLN C 23 -15.77 -3.58 12.18
N SER C 24 -16.68 -4.09 11.34
CA SER C 24 -16.47 -5.13 10.35
C SER C 24 -17.54 -4.99 9.25
N ALA C 26 -18.39 -5.49 4.76
CA ALA C 26 -18.16 -6.25 3.52
C ALA C 26 -17.11 -5.56 2.64
N ASN C 27 -16.54 -6.34 1.69
CA ASN C 27 -15.45 -5.94 0.78
C ASN C 27 -14.22 -5.67 1.66
N LEU C 28 -13.61 -6.76 2.14
CA LEU C 28 -12.45 -6.71 3.04
C LEU C 28 -11.17 -6.33 2.30
N LEU C 29 -10.12 -5.96 3.05
CA LEU C 29 -8.80 -5.56 2.52
C LEU C 29 -7.70 -6.47 3.06
#